data_7LXL
#
_entry.id   7LXL
#
_cell.length_a   77.869
_cell.length_b   101.670
_cell.length_c   127.700
_cell.angle_alpha   90.00
_cell.angle_beta   90.00
_cell.angle_gamma   90.00
#
_symmetry.space_group_name_H-M   'I 2 2 2'
#
loop_
_entity.id
_entity.type
_entity.pdbx_description
1 polymer 'Cytochrome P450 3A4'
2 non-polymer 'PROTOPORPHYRIN IX CONTAINING FE'
3 non-polymer 17alpha-hydroxy-7alpha-[(2Z)-4-(17beta-hydroxy-3-oxo-8alpha-androst-4-en-7beta-yl)but-2-en-1-yl]-8alpha,10alpha,13alpha,14beta-androst-4-en-3-one
#
_entity_poly.entity_id   1
_entity_poly.type   'polypeptide(L)'
_entity_poly.pdbx_seq_one_letter_code
;AYLYGTHSHGLFKKLGIPGPTPLPFLGNILSYHKGFCMFDMECHKKYGKVWGFYDGQQPVLAITDPDMIKTVLVKECYSV
FTNRRPFGPVGFMKSAISIAEDEEWKRLRSLLSPTFTSGKLKEMVPIIAQYGDVLVRNLRREAETGKPVTLKDVFGAYSM
DVITSTSFGVNIDSLNNPQDPFVENTKKLLRFDFLDPFFLSITVFPFLIPILEVLNICVFPREVTNFLRKSVKRMKESRL
EDTQKHRVDFLQLMIDSQNSKETESHKALSDLELVAQSIIFIFAGYETTSSVLSFIMYELATHPDVQQKLQEEIDAVLPN
KAPPTYDTVLQMEYLDMVVNETLRLFPIAMRLERVCKKDVEINGMFIPKGVVVMIPSYALHRDPKYWTEPEKFLPERFSK
KNKDNIDPYIYTPFGSGPRNCIGMRFALMNMKLALIRVLQNFSFKPCKETQIPLKLSLGGLLQPEKPVVLKVESRDGTVS
GAHHHH
;
_entity_poly.pdbx_strand_id   A
#
loop_
_chem_comp.id
_chem_comp.type
_chem_comp.name
_chem_comp.formula
HEM non-polymer 'PROTOPORPHYRIN IX CONTAINING FE' 'C34 H32 Fe N4 O4'
YNV non-polymer 17alpha-hydroxy-7alpha-[(2Z)-4-(17beta-hydroxy-3-oxo-8alpha-androst-4-en-7beta-yl)but-2-en-1-yl]-8alpha,10alpha,13alpha,14beta-androst-4-en-3-one 'C42 H60 O4'
#
# COMPACT_ATOMS: atom_id res chain seq x y z
N HIS A 7 21.91 -26.56 -4.49
CA HIS A 7 20.67 -27.06 -3.91
C HIS A 7 20.72 -26.91 -2.39
N SER A 8 20.27 -25.76 -1.89
CA SER A 8 20.34 -25.48 -0.46
C SER A 8 18.94 -25.50 0.17
N HIS A 9 18.19 -26.56 -0.08
CA HIS A 9 16.86 -26.71 0.51
C HIS A 9 16.89 -27.29 1.92
N GLY A 10 18.08 -27.61 2.45
CA GLY A 10 18.17 -28.15 3.78
C GLY A 10 18.72 -27.16 4.79
N LEU A 11 18.49 -25.87 4.54
CA LEU A 11 18.99 -24.84 5.43
C LEU A 11 18.17 -24.71 6.71
N PHE A 12 16.87 -25.00 6.63
CA PHE A 12 16.00 -24.87 7.79
C PHE A 12 16.00 -26.10 8.68
N LYS A 13 16.24 -27.28 8.11
CA LYS A 13 16.52 -28.46 8.94
C LYS A 13 17.91 -28.38 9.55
N LYS A 14 18.79 -27.55 9.00
CA LYS A 14 20.13 -27.39 9.55
C LYS A 14 20.13 -26.56 10.82
N LEU A 15 19.30 -25.51 10.87
CA LEU A 15 19.20 -24.65 12.03
C LEU A 15 18.07 -25.05 12.98
N GLY A 16 17.46 -26.21 12.76
CA GLY A 16 16.39 -26.67 13.63
C GLY A 16 15.14 -25.83 13.58
N ILE A 17 14.89 -25.17 12.46
CA ILE A 17 13.70 -24.31 12.29
C ILE A 17 12.67 -25.11 11.50
N PRO A 18 11.46 -25.29 12.02
CA PRO A 18 10.48 -26.11 11.31
C PRO A 18 9.91 -25.40 10.09
N GLY A 19 9.25 -26.18 9.24
CA GLY A 19 8.65 -25.66 8.03
C GLY A 19 8.14 -26.76 7.13
N PRO A 20 7.30 -26.40 6.16
CA PRO A 20 6.78 -27.40 5.23
C PRO A 20 7.87 -28.00 4.36
N THR A 21 7.60 -29.21 3.89
CA THR A 21 8.57 -29.93 3.07
C THR A 21 8.72 -29.27 1.71
N PRO A 22 9.91 -28.79 1.34
CA PRO A 22 10.06 -28.16 0.03
C PRO A 22 10.32 -29.18 -1.07
N LEU A 23 9.65 -28.98 -2.20
CA LEU A 23 9.90 -29.81 -3.36
C LEU A 23 11.12 -29.29 -4.12
N PRO A 24 11.85 -30.18 -4.80
CA PRO A 24 13.05 -29.73 -5.53
C PRO A 24 12.72 -28.66 -6.56
N PHE A 25 13.55 -27.62 -6.58
CA PHE A 25 13.45 -26.50 -7.51
C PHE A 25 12.20 -25.66 -7.21
N LEU A 26 11.05 -26.30 -7.07
CA LEU A 26 9.81 -25.56 -6.80
C LEU A 26 9.74 -24.97 -5.40
N GLY A 27 10.13 -25.75 -4.39
CA GLY A 27 10.02 -25.27 -3.02
C GLY A 27 8.62 -25.45 -2.50
N ASN A 28 8.08 -24.41 -1.87
CA ASN A 28 6.73 -24.42 -1.33
C ASN A 28 5.78 -23.53 -2.13
N ILE A 29 6.11 -23.23 -3.39
CA ILE A 29 5.28 -22.33 -4.18
C ILE A 29 3.96 -22.98 -4.57
N LEU A 30 3.87 -24.31 -4.54
CA LEU A 30 2.60 -24.96 -4.79
C LEU A 30 1.61 -24.70 -3.66
N SER A 31 2.10 -24.42 -2.46
CA SER A 31 1.23 -24.05 -1.35
C SER A 31 0.60 -22.69 -1.54
N TYR A 32 1.08 -21.89 -2.50
CA TYR A 32 0.44 -20.62 -2.84
C TYR A 32 -0.88 -20.80 -3.58
N HIS A 33 -1.34 -22.04 -3.78
CA HIS A 33 -2.61 -22.28 -4.45
C HIS A 33 -3.78 -21.69 -3.68
N LYS A 34 -3.60 -21.31 -2.41
CA LYS A 34 -4.61 -20.64 -1.63
C LYS A 34 -4.22 -19.21 -1.27
N GLY A 35 -3.23 -18.66 -1.97
CA GLY A 35 -2.76 -17.32 -1.71
C GLY A 35 -1.72 -17.27 -0.61
N PHE A 36 -1.09 -16.10 -0.48
CA PHE A 36 -0.11 -15.91 0.58
C PHE A 36 -0.76 -15.97 1.95
N CYS A 37 -1.95 -15.37 2.08
CA CYS A 37 -2.58 -15.22 3.39
C CYS A 37 -2.92 -16.58 4.01
N MET A 38 -3.65 -17.41 3.27
CA MET A 38 -4.02 -18.72 3.79
C MET A 38 -2.80 -19.58 4.07
N PHE A 39 -1.74 -19.42 3.28
CA PHE A 39 -0.49 -20.13 3.56
C PHE A 39 0.21 -19.57 4.79
N ASP A 40 0.04 -18.27 5.07
CA ASP A 40 0.63 -17.69 6.26
C ASP A 40 -0.15 -18.04 7.52
N MET A 41 -1.49 -18.09 7.42
CA MET A 41 -2.29 -18.44 8.58
C MET A 41 -2.10 -19.91 8.96
N GLU A 42 -2.01 -20.80 7.96
CA GLU A 42 -1.79 -22.21 8.25
C GLU A 42 -0.42 -22.44 8.87
N CYS A 43 0.62 -21.75 8.35
CA CYS A 43 1.95 -21.91 8.91
C CYS A 43 2.05 -21.29 10.30
N HIS A 44 1.21 -20.31 10.61
CA HIS A 44 1.24 -19.69 11.93
C HIS A 44 0.59 -20.59 12.97
N LYS A 45 -0.53 -21.21 12.64
CA LYS A 45 -1.23 -22.12 13.55
C LYS A 45 -0.63 -23.51 13.58
N LYS A 46 0.54 -23.72 12.99
CA LYS A 46 1.18 -25.02 12.93
C LYS A 46 2.57 -25.01 13.52
N TYR A 47 3.41 -24.06 13.14
CA TYR A 47 4.80 -24.03 13.57
C TYR A 47 5.07 -23.04 14.69
N GLY A 48 4.28 -21.98 14.80
CA GLY A 48 4.31 -21.13 15.97
C GLY A 48 5.07 -19.83 15.73
N LYS A 49 6.04 -19.54 16.59
CA LYS A 49 6.68 -18.23 16.62
C LYS A 49 7.55 -18.00 15.39
N VAL A 50 8.31 -19.02 14.98
CA VAL A 50 9.28 -18.88 13.90
C VAL A 50 9.26 -20.14 13.05
N TRP A 51 9.19 -19.96 11.73
CA TRP A 51 9.26 -21.07 10.80
C TRP A 51 9.92 -20.59 9.51
N GLY A 52 10.09 -21.51 8.56
CA GLY A 52 10.73 -21.17 7.30
C GLY A 52 10.20 -21.99 6.16
N PHE A 53 10.39 -21.46 4.96
CA PHE A 53 10.00 -22.14 3.73
C PHE A 53 10.88 -21.61 2.59
N TYR A 54 10.63 -22.10 1.38
CA TYR A 54 11.48 -21.79 0.23
C TYR A 54 10.61 -21.33 -0.92
N ASP A 55 10.90 -20.13 -1.43
CA ASP A 55 10.31 -19.64 -2.68
C ASP A 55 11.26 -20.03 -3.82
N GLY A 56 11.22 -21.31 -4.18
CA GLY A 56 12.17 -21.85 -5.13
C GLY A 56 13.44 -22.28 -4.42
N GLN A 57 14.54 -21.59 -4.70
CA GLN A 57 15.79 -21.76 -3.98
C GLN A 57 16.00 -20.67 -2.94
N GLN A 58 15.01 -19.80 -2.73
CA GLN A 58 15.14 -18.67 -1.83
C GLN A 58 14.57 -19.05 -0.46
N PRO A 59 15.38 -19.11 0.59
CA PRO A 59 14.84 -19.43 1.92
C PRO A 59 14.25 -18.19 2.59
N VAL A 60 13.07 -18.35 3.16
CA VAL A 60 12.34 -17.25 3.77
C VAL A 60 12.03 -17.62 5.22
N LEU A 61 12.57 -16.85 6.16
CA LEU A 61 12.34 -17.06 7.58
C LEU A 61 11.27 -16.08 8.06
N ALA A 62 10.21 -16.60 8.67
CA ALA A 62 9.11 -15.79 9.17
C ALA A 62 9.22 -15.64 10.67
N ILE A 63 9.08 -14.41 11.15
CA ILE A 63 9.14 -14.11 12.58
C ILE A 63 7.84 -13.44 13.01
N THR A 64 7.43 -13.71 14.25
CA THR A 64 6.20 -13.15 14.79
C THR A 64 6.37 -12.55 16.17
N ASP A 65 7.57 -12.54 16.73
CA ASP A 65 7.79 -11.98 18.06
C ASP A 65 7.96 -10.47 17.96
N PRO A 66 7.26 -9.68 18.81
CA PRO A 66 7.38 -8.22 18.71
C PRO A 66 8.79 -7.71 18.90
N ASP A 67 9.57 -8.32 19.80
CA ASP A 67 10.96 -7.90 19.96
C ASP A 67 11.79 -8.27 18.73
N MET A 68 11.51 -9.43 18.13
CA MET A 68 12.25 -9.84 16.94
C MET A 68 11.86 -8.99 15.74
N ILE A 69 10.61 -8.55 15.66
CA ILE A 69 10.17 -7.70 14.56
C ILE A 69 10.81 -6.32 14.69
N LYS A 70 10.97 -5.84 15.92
CA LYS A 70 11.55 -4.51 16.13
C LYS A 70 13.01 -4.47 15.74
N THR A 71 13.76 -5.53 16.06
CA THR A 71 15.18 -5.57 15.71
C THR A 71 15.38 -5.59 14.20
N VAL A 72 14.50 -6.28 13.48
CA VAL A 72 14.64 -6.34 12.03
C VAL A 72 14.19 -5.04 11.37
N LEU A 73 13.09 -4.46 11.83
CA LEU A 73 12.54 -3.27 11.22
C LEU A 73 13.17 -1.97 11.71
N VAL A 74 13.57 -1.91 12.99
CA VAL A 74 14.00 -0.65 13.57
C VAL A 74 15.47 -0.68 13.98
N LYS A 75 15.80 -1.52 14.96
CA LYS A 75 17.11 -1.51 15.60
C LYS A 75 18.31 -1.72 14.69
N GLU A 76 18.46 -2.93 14.15
CA GLU A 76 19.60 -3.23 13.27
C GLU A 76 19.12 -3.17 11.83
N CYS A 77 18.41 -2.09 11.49
CA CYS A 77 17.90 -1.91 10.12
C CYS A 77 19.00 -1.40 9.19
N TYR A 78 19.73 -0.36 9.61
CA TYR A 78 20.78 0.19 8.77
C TYR A 78 21.92 -0.79 8.59
N SER A 79 22.24 -1.56 9.64
CA SER A 79 23.41 -2.43 9.59
C SER A 79 23.10 -3.76 8.91
N VAL A 80 21.91 -4.31 9.12
CA VAL A 80 21.59 -5.65 8.65
C VAL A 80 20.43 -5.62 7.67
N PHE A 81 19.22 -5.35 8.18
CA PHE A 81 18.00 -5.48 7.40
C PHE A 81 17.65 -4.13 6.77
N THR A 82 18.29 -3.85 5.63
CA THR A 82 18.15 -2.57 4.96
C THR A 82 17.24 -2.65 3.73
N ASN A 83 17.42 -3.65 2.88
CA ASN A 83 16.69 -3.76 1.63
C ASN A 83 15.67 -4.89 1.69
N ARG A 84 14.77 -4.88 0.73
CA ARG A 84 13.82 -5.97 0.54
C ARG A 84 14.39 -6.98 -0.44
N ARG A 85 13.64 -8.04 -0.73
CA ARG A 85 14.14 -9.08 -1.61
C ARG A 85 14.34 -8.53 -3.02
N PRO A 86 15.37 -8.99 -3.73
CA PRO A 86 15.62 -8.46 -5.08
C PRO A 86 14.44 -8.69 -6.01
N PHE A 87 14.25 -7.75 -6.94
CA PHE A 87 13.10 -7.77 -7.83
C PHE A 87 13.54 -7.35 -9.23
N GLY A 88 13.18 -8.14 -10.22
CA GLY A 88 13.51 -7.85 -11.60
C GLY A 88 12.56 -8.53 -12.57
N PRO A 89 12.58 -8.09 -13.84
CA PRO A 89 13.47 -7.04 -14.35
C PRO A 89 12.88 -5.65 -14.17
N VAL A 90 13.74 -4.64 -14.03
CA VAL A 90 13.30 -3.28 -13.75
C VAL A 90 13.74 -2.28 -14.81
N GLY A 91 14.76 -2.58 -15.60
CA GLY A 91 15.21 -1.61 -16.60
C GLY A 91 15.86 -0.42 -15.93
N PHE A 92 15.40 0.78 -16.29
CA PHE A 92 15.91 2.00 -15.68
C PHE A 92 15.22 2.34 -14.36
N MET A 93 14.32 1.49 -13.88
CA MET A 93 13.50 1.78 -12.71
C MET A 93 14.10 1.26 -11.41
N LYS A 94 15.35 0.77 -11.43
CA LYS A 94 15.97 0.34 -10.19
C LYS A 94 16.35 1.50 -9.28
N SER A 95 16.28 2.73 -9.79
CA SER A 95 16.56 3.91 -8.97
C SER A 95 15.36 4.34 -8.13
N ALA A 96 14.23 3.65 -8.23
CA ALA A 96 13.08 3.95 -7.39
C ALA A 96 13.41 3.64 -5.93
N ILE A 97 12.90 4.49 -5.03
CA ILE A 97 13.25 4.37 -3.62
C ILE A 97 12.76 3.04 -3.06
N SER A 98 11.56 2.60 -3.45
CA SER A 98 11.05 1.31 -3.00
C SER A 98 11.86 0.14 -3.54
N ILE A 99 12.64 0.36 -4.59
CA ILE A 99 13.48 -0.69 -5.16
C ILE A 99 14.96 -0.44 -4.93
N ALA A 100 15.36 0.80 -4.61
CA ALA A 100 16.77 1.10 -4.38
C ALA A 100 17.28 0.39 -3.13
N GLU A 101 18.60 0.28 -3.03
CA GLU A 101 19.22 -0.46 -1.94
C GLU A 101 20.44 0.31 -1.42
N ASP A 102 20.70 0.15 -0.13
CA ASP A 102 21.88 0.68 0.53
C ASP A 102 22.11 2.18 0.51
N GLU A 103 23.33 2.59 0.18
CA GLU A 103 23.64 4.01 0.20
C GLU A 103 22.94 4.79 -0.89
N GLU A 104 22.41 4.12 -1.92
CA GLU A 104 21.56 4.80 -2.89
C GLU A 104 20.16 5.04 -2.33
N TRP A 105 19.67 4.12 -1.50
CA TRP A 105 18.34 4.29 -0.92
C TRP A 105 18.35 5.36 0.18
N LYS A 106 19.26 5.24 1.14
CA LYS A 106 19.33 6.23 2.21
C LYS A 106 19.60 7.62 1.66
N ARG A 107 20.33 7.71 0.54
CA ARG A 107 20.42 8.97 -0.19
C ARG A 107 19.06 9.40 -0.69
N LEU A 108 18.36 8.53 -1.41
CA LEU A 108 17.04 8.87 -1.93
C LEU A 108 16.02 9.06 -0.82
N ARG A 109 16.18 8.34 0.30
CA ARG A 109 15.24 8.49 1.41
C ARG A 109 15.33 9.89 2.01
N SER A 110 16.54 10.42 2.14
CA SER A 110 16.72 11.75 2.71
C SER A 110 16.32 12.84 1.73
N LEU A 111 16.60 12.67 0.45
CA LEU A 111 16.27 13.67 -0.55
C LEU A 111 14.77 13.77 -0.79
N LEU A 112 14.00 12.75 -0.40
CA LEU A 112 12.55 12.75 -0.58
C LEU A 112 11.79 12.81 0.73
N SER A 113 12.49 12.83 1.87
CA SER A 113 11.78 12.88 3.16
C SER A 113 11.06 14.21 3.39
N PRO A 114 11.69 15.37 3.19
CA PRO A 114 10.97 16.64 3.44
C PRO A 114 9.75 16.85 2.55
N THR A 115 9.60 16.09 1.47
CA THR A 115 8.42 16.23 0.62
C THR A 115 7.16 15.70 1.30
N PHE A 116 7.30 14.91 2.37
CA PHE A 116 6.17 14.37 3.11
C PHE A 116 6.09 14.97 4.52
N THR A 117 6.32 16.28 4.62
CA THR A 117 6.27 16.98 5.89
C THR A 117 4.86 17.53 6.11
N SER A 118 4.43 17.51 7.38
CA SER A 118 3.11 18.03 7.71
C SER A 118 2.94 19.48 7.27
N GLY A 119 4.01 20.26 7.28
CA GLY A 119 3.93 21.61 6.73
C GLY A 119 3.67 21.60 5.24
N LYS A 120 4.39 20.75 4.52
CA LYS A 120 4.12 20.55 3.09
C LYS A 120 2.77 19.88 2.87
N LEU A 121 2.26 19.15 3.85
CA LEU A 121 0.98 18.47 3.72
C LEU A 121 -0.20 19.40 3.97
N LYS A 122 -0.05 20.36 4.89
CA LYS A 122 -1.12 21.31 5.14
C LYS A 122 -1.33 22.24 3.95
N GLU A 123 -0.28 22.48 3.17
CA GLU A 123 -0.40 23.30 1.96
C GLU A 123 -0.98 22.54 0.78
N MET A 124 -1.13 21.22 0.88
CA MET A 124 -1.76 20.41 -0.16
C MET A 124 -3.25 20.24 0.06
N VAL A 125 -3.80 20.79 1.13
CA VAL A 125 -5.21 20.63 1.47
C VAL A 125 -6.11 21.29 0.42
N PRO A 126 -5.91 22.54 0.04
CA PRO A 126 -6.79 23.14 -0.99
C PRO A 126 -6.64 22.50 -2.36
N ILE A 127 -5.50 21.87 -2.65
CA ILE A 127 -5.28 21.28 -3.97
C ILE A 127 -6.12 20.02 -4.14
N ILE A 128 -6.00 19.08 -3.19
CA ILE A 128 -6.73 17.81 -3.29
C ILE A 128 -8.18 17.92 -2.86
N ALA A 129 -8.57 19.04 -2.25
CA ALA A 129 -9.97 19.28 -1.93
C ALA A 129 -10.78 19.74 -3.13
N GLN A 130 -10.12 20.01 -4.27
CA GLN A 130 -10.81 20.43 -5.48
C GLN A 130 -11.28 19.25 -6.32
N TYR A 131 -10.85 18.03 -6.00
CA TYR A 131 -11.29 16.83 -6.70
C TYR A 131 -12.24 15.97 -5.88
N GLY A 132 -12.42 16.28 -4.60
CA GLY A 132 -13.48 15.63 -3.85
C GLY A 132 -14.86 16.03 -4.33
N ASP A 133 -15.06 17.32 -4.57
CA ASP A 133 -16.31 17.78 -5.17
C ASP A 133 -16.44 17.35 -6.62
N VAL A 134 -15.31 17.09 -7.29
CA VAL A 134 -15.37 16.54 -8.65
C VAL A 134 -15.96 15.14 -8.62
N LEU A 135 -15.53 14.31 -7.66
CA LEU A 135 -16.08 12.97 -7.54
C LEU A 135 -17.53 12.99 -7.09
N VAL A 136 -17.90 13.94 -6.23
CA VAL A 136 -19.29 14.06 -5.79
C VAL A 136 -20.20 14.34 -6.98
N ARG A 137 -19.75 15.19 -7.91
CA ARG A 137 -20.51 15.43 -9.13
C ARG A 137 -20.67 14.15 -9.95
N ASN A 138 -19.59 13.38 -10.08
CA ASN A 138 -19.66 12.12 -10.80
C ASN A 138 -20.33 11.02 -9.99
N LEU A 139 -20.35 11.13 -8.66
CA LEU A 139 -21.05 10.15 -7.84
C LEU A 139 -22.55 10.39 -7.80
N ARG A 140 -22.97 11.65 -7.93
CA ARG A 140 -24.39 11.96 -8.02
C ARG A 140 -25.00 11.45 -9.32
N ARG A 141 -24.18 11.26 -10.36
CA ARG A 141 -24.68 10.79 -11.64
C ARG A 141 -25.31 9.41 -11.53
N GLU A 142 -24.76 8.54 -10.67
CA GLU A 142 -25.25 7.19 -10.52
C GLU A 142 -26.18 7.03 -9.33
N ALA A 143 -26.29 8.03 -8.45
CA ALA A 143 -27.26 7.96 -7.37
C ALA A 143 -28.68 8.17 -7.90
N GLU A 144 -28.84 9.08 -8.86
CA GLU A 144 -30.12 9.29 -9.51
C GLU A 144 -30.41 8.24 -10.59
N THR A 145 -29.37 7.62 -11.15
CA THR A 145 -29.57 6.58 -12.15
C THR A 145 -30.20 5.34 -11.53
N GLY A 146 -29.99 5.12 -10.25
CA GLY A 146 -30.52 3.95 -9.57
C GLY A 146 -29.73 2.68 -9.79
N LYS A 147 -28.55 2.77 -10.40
CA LYS A 147 -27.71 1.60 -10.66
C LYS A 147 -26.66 1.45 -9.58
N PRO A 148 -26.26 0.21 -9.27
CA PRO A 148 -25.15 0.00 -8.34
C PRO A 148 -23.85 0.56 -8.92
N VAL A 149 -22.95 0.96 -8.03
CA VAL A 149 -21.72 1.65 -8.40
C VAL A 149 -20.53 0.76 -8.04
N THR A 150 -19.60 0.64 -8.99
CA THR A 150 -18.32 -0.01 -8.72
C THR A 150 -17.39 1.00 -8.06
N LEU A 151 -16.89 0.66 -6.86
CA LEU A 151 -16.13 1.63 -6.08
C LEU A 151 -14.74 1.87 -6.64
N LYS A 152 -14.12 0.84 -7.23
CA LYS A 152 -12.75 0.98 -7.69
C LYS A 152 -12.62 1.90 -8.90
N ASP A 153 -13.71 2.14 -9.63
CA ASP A 153 -13.68 3.02 -10.78
C ASP A 153 -13.86 4.49 -10.39
N VAL A 154 -14.78 4.78 -9.47
CA VAL A 154 -14.96 6.15 -9.02
C VAL A 154 -13.81 6.58 -8.13
N PHE A 155 -13.36 5.70 -7.23
CA PHE A 155 -12.21 6.02 -6.39
C PHE A 155 -10.93 6.05 -7.19
N GLY A 156 -10.80 5.18 -8.20
CA GLY A 156 -9.60 5.17 -9.00
C GLY A 156 -9.39 6.47 -9.77
N ALA A 157 -10.48 7.05 -10.27
CA ALA A 157 -10.38 8.33 -10.95
C ALA A 157 -10.01 9.44 -9.97
N TYR A 158 -10.59 9.42 -8.77
CA TYR A 158 -10.24 10.41 -7.76
C TYR A 158 -8.78 10.24 -7.32
N SER A 159 -8.37 9.00 -7.05
CA SER A 159 -6.98 8.76 -6.66
C SER A 159 -6.01 9.15 -7.77
N MET A 160 -6.45 9.08 -9.03
CA MET A 160 -5.62 9.52 -10.13
C MET A 160 -5.55 11.04 -10.20
N ASP A 161 -6.70 11.72 -10.11
CA ASP A 161 -6.71 13.17 -10.16
C ASP A 161 -6.02 13.80 -8.96
N VAL A 162 -5.86 13.06 -7.87
CA VAL A 162 -5.15 13.58 -6.70
C VAL A 162 -3.65 13.38 -6.85
N ILE A 163 -3.23 12.18 -7.22
CA ILE A 163 -1.81 11.87 -7.30
C ILE A 163 -1.14 12.58 -8.47
N THR A 164 -1.90 12.95 -9.51
CA THR A 164 -1.33 13.69 -10.62
C THR A 164 -1.20 15.17 -10.30
N SER A 165 -2.17 15.72 -9.56
CA SER A 165 -2.11 17.12 -9.16
C SER A 165 -1.04 17.38 -8.12
N THR A 166 -0.59 16.33 -7.42
CA THR A 166 0.48 16.47 -6.44
C THR A 166 1.87 16.27 -7.05
N SER A 167 1.92 15.92 -8.33
CA SER A 167 3.19 15.71 -9.02
C SER A 167 3.74 17.02 -9.57
N PHE A 168 2.94 17.70 -10.39
CA PHE A 168 3.35 18.97 -10.98
C PHE A 168 2.35 20.08 -10.66
N GLY A 169 1.07 19.87 -11.00
CA GLY A 169 0.60 18.67 -11.65
C GLY A 169 -0.38 18.96 -12.77
N VAL A 170 -1.22 17.98 -13.08
CA VAL A 170 -2.22 18.13 -14.14
C VAL A 170 -3.63 18.07 -13.58
N ASN A 171 -4.50 18.94 -14.07
CA ASN A 171 -5.88 18.99 -13.62
C ASN A 171 -6.85 18.40 -14.64
N ILE A 172 -7.11 17.10 -14.51
CA ILE A 172 -8.01 16.41 -15.41
C ILE A 172 -9.22 15.92 -14.62
N ASP A 173 -10.30 15.63 -15.35
CA ASP A 173 -11.47 14.97 -14.79
C ASP A 173 -11.46 13.55 -15.33
N SER A 174 -10.71 12.68 -14.64
CA SER A 174 -10.39 11.35 -15.18
C SER A 174 -11.65 10.52 -15.44
N LEU A 175 -12.62 10.56 -14.52
CA LEU A 175 -13.82 9.77 -14.70
C LEU A 175 -14.67 10.29 -15.85
N ASN A 176 -14.69 11.61 -16.06
CA ASN A 176 -15.43 12.20 -17.16
C ASN A 176 -14.61 12.32 -18.44
N ASN A 177 -13.28 12.29 -18.34
CA ASN A 177 -12.38 12.36 -19.48
C ASN A 177 -11.51 11.11 -19.51
N PRO A 178 -12.04 9.99 -20.03
CA PRO A 178 -11.25 8.76 -20.14
C PRO A 178 -10.47 8.61 -21.44
N GLN A 179 -10.02 9.72 -22.01
CA GLN A 179 -9.29 9.63 -23.27
C GLN A 179 -8.07 10.53 -23.46
N ASP A 180 -7.89 11.52 -22.58
CA ASP A 180 -6.75 12.40 -22.74
C ASP A 180 -5.45 11.62 -22.59
N PRO A 181 -4.37 12.09 -23.25
CA PRO A 181 -3.12 11.30 -23.29
C PRO A 181 -2.36 11.27 -21.97
N PHE A 182 -3.07 11.40 -20.85
CA PHE A 182 -2.43 11.32 -19.53
C PHE A 182 -3.17 10.43 -18.55
N VAL A 183 -4.42 10.08 -18.79
CA VAL A 183 -5.16 9.20 -17.89
C VAL A 183 -5.03 7.74 -18.32
N GLU A 184 -5.34 7.43 -19.59
CA GLU A 184 -5.21 6.07 -20.07
C GLU A 184 -3.74 5.69 -20.22
N ASN A 185 -2.89 6.65 -20.56
CA ASN A 185 -1.46 6.39 -20.64
C ASN A 185 -0.92 5.91 -19.30
N THR A 186 -1.44 6.46 -18.19
CA THR A 186 -1.00 6.03 -16.87
C THR A 186 -1.74 4.79 -16.41
N LYS A 187 -3.07 4.74 -16.61
CA LYS A 187 -3.90 3.70 -16.03
C LYS A 187 -3.60 2.30 -16.56
N LYS A 188 -2.45 2.12 -17.21
CA LYS A 188 -1.95 0.80 -17.52
C LYS A 188 -1.34 0.10 -16.31
N LEU A 189 -1.46 0.72 -15.13
CA LEU A 189 -0.90 0.20 -13.90
C LEU A 189 -1.45 -1.17 -13.55
N LEU A 195 1.75 -14.33 -8.78
CA LEU A 195 1.33 -15.71 -8.96
C LEU A 195 0.75 -15.93 -10.36
N ASP A 196 1.07 -15.04 -11.28
CA ASP A 196 0.67 -15.17 -12.67
C ASP A 196 1.74 -15.92 -13.44
N PRO A 197 1.45 -16.35 -14.69
CA PRO A 197 2.46 -17.10 -15.46
C PRO A 197 3.83 -16.46 -15.52
N PHE A 198 3.95 -15.14 -15.42
CA PHE A 198 5.25 -14.48 -15.48
C PHE A 198 5.95 -14.47 -14.12
N PHE A 199 5.30 -13.89 -13.10
CA PHE A 199 5.92 -13.77 -11.79
C PHE A 199 6.12 -15.12 -11.10
N LEU A 200 5.34 -16.13 -11.47
CA LEU A 200 5.56 -17.47 -10.92
C LEU A 200 6.84 -18.08 -11.45
N SER A 201 7.22 -17.75 -12.69
CA SER A 201 8.40 -18.35 -13.30
C SER A 201 9.68 -17.70 -12.80
N ILE A 202 9.67 -16.39 -12.58
CA ILE A 202 10.87 -15.70 -12.13
C ILE A 202 11.19 -15.96 -10.66
N THR A 203 10.29 -16.61 -9.93
CA THR A 203 10.61 -17.07 -8.59
C THR A 203 11.22 -18.46 -8.58
N VAL A 204 10.71 -19.34 -9.45
CA VAL A 204 11.35 -20.65 -9.63
C VAL A 204 12.61 -20.50 -10.47
N PHE A 205 12.64 -19.53 -11.39
CA PHE A 205 13.80 -19.25 -12.22
C PHE A 205 14.28 -17.82 -11.97
N PRO A 206 14.86 -17.55 -10.80
CA PRO A 206 15.46 -16.22 -10.58
C PRO A 206 16.75 -16.01 -11.34
N PHE A 207 17.35 -17.08 -11.86
CA PHE A 207 18.56 -16.99 -12.66
C PHE A 207 18.29 -16.44 -14.07
N LEU A 208 17.04 -16.40 -14.49
CA LEU A 208 16.67 -15.86 -15.79
C LEU A 208 16.43 -14.36 -15.76
N ILE A 209 16.51 -13.73 -14.58
CA ILE A 209 16.29 -12.29 -14.45
C ILE A 209 17.41 -11.51 -15.15
N PRO A 210 18.69 -11.84 -14.96
CA PRO A 210 19.73 -11.12 -15.71
C PRO A 210 19.61 -11.28 -17.22
N ILE A 211 18.95 -12.34 -17.68
CA ILE A 211 18.70 -12.49 -19.12
C ILE A 211 17.67 -11.46 -19.59
N LEU A 212 16.58 -11.32 -18.85
CA LEU A 212 15.52 -10.38 -19.24
C LEU A 212 16.00 -8.93 -19.20
N GLU A 213 17.05 -8.63 -18.44
CA GLU A 213 17.53 -7.25 -18.34
C GLU A 213 18.35 -6.86 -19.57
N VAL A 214 19.22 -7.75 -20.05
CA VAL A 214 19.99 -7.43 -21.24
C VAL A 214 19.12 -7.39 -22.48
N LEU A 215 17.93 -8.00 -22.44
CA LEU A 215 16.94 -7.86 -23.49
C LEU A 215 16.09 -6.61 -23.33
N ASN A 216 16.38 -5.79 -22.33
CA ASN A 216 15.64 -4.56 -22.03
C ASN A 216 14.17 -4.83 -21.73
N ILE A 217 13.85 -6.05 -21.28
CA ILE A 217 12.49 -6.36 -20.85
C ILE A 217 12.30 -5.87 -19.42
N CYS A 218 11.12 -5.34 -19.13
CA CYS A 218 10.83 -4.76 -17.83
C CYS A 218 9.40 -5.09 -17.41
N VAL A 219 9.18 -5.18 -16.10
CA VAL A 219 7.83 -5.39 -15.60
C VAL A 219 6.97 -4.15 -15.84
N PHE A 220 7.59 -2.98 -15.93
CA PHE A 220 6.89 -1.77 -16.36
C PHE A 220 7.01 -1.70 -17.87
N PRO A 221 5.92 -1.92 -18.63
CA PRO A 221 6.01 -1.86 -20.09
C PRO A 221 6.54 -0.53 -20.59
N ARG A 222 7.74 -0.52 -21.17
CA ARG A 222 8.39 0.72 -21.55
C ARG A 222 7.83 1.30 -22.84
N GLU A 223 6.56 1.04 -23.12
CA GLU A 223 5.83 1.75 -24.15
C GLU A 223 5.28 3.08 -23.65
N VAL A 224 5.32 3.31 -22.34
CA VAL A 224 4.71 4.48 -21.72
C VAL A 224 5.74 5.17 -20.82
N THR A 225 6.68 4.39 -20.29
CA THR A 225 7.69 4.94 -19.39
C THR A 225 8.52 6.01 -20.10
N ASN A 226 8.91 5.75 -21.35
CA ASN A 226 9.64 6.77 -22.12
C ASN A 226 8.74 7.94 -22.49
N PHE A 227 7.45 7.69 -22.70
CA PHE A 227 6.49 8.79 -22.76
C PHE A 227 6.52 9.57 -21.45
N LEU A 228 6.27 8.88 -20.33
CA LEU A 228 6.35 9.49 -19.01
C LEU A 228 7.75 10.02 -18.68
N ARG A 229 8.74 9.75 -19.53
CA ARG A 229 10.05 10.38 -19.38
C ARG A 229 10.08 11.74 -20.06
N LYS A 230 9.80 11.79 -21.35
CA LYS A 230 9.81 13.04 -22.09
C LYS A 230 8.47 13.78 -22.03
N SER A 231 7.45 13.21 -21.39
CA SER A 231 6.31 14.01 -20.96
C SER A 231 6.56 14.66 -19.61
N VAL A 232 7.41 14.06 -18.79
CA VAL A 232 7.90 14.72 -17.59
C VAL A 232 9.08 15.62 -17.92
N LYS A 233 9.96 15.19 -18.84
CA LYS A 233 10.99 16.10 -19.33
C LYS A 233 10.37 17.30 -20.04
N ARG A 234 9.22 17.11 -20.69
CA ARG A 234 8.48 18.25 -21.21
C ARG A 234 7.91 19.10 -20.08
N MET A 235 7.38 18.47 -19.03
CA MET A 235 6.83 19.18 -17.90
C MET A 235 7.87 19.53 -16.84
N LYS A 236 9.14 19.16 -17.07
CA LYS A 236 10.21 19.49 -16.14
C LYS A 236 10.40 21.00 -16.05
N GLU A 237 10.90 21.61 -17.12
CA GLU A 237 11.20 23.03 -17.13
C GLU A 237 10.41 23.83 -18.15
N SER A 238 10.06 23.23 -19.29
CA SER A 238 9.32 23.95 -20.33
C SER A 238 7.90 24.26 -19.88
N GLN A 244 6.24 32.22 -10.22
CA GLN A 244 4.92 32.61 -9.70
C GLN A 244 3.92 31.46 -9.79
N LYS A 245 3.12 31.32 -8.72
CA LYS A 245 2.00 30.40 -8.66
C LYS A 245 2.42 28.95 -8.72
N HIS A 246 3.71 28.68 -8.96
CA HIS A 246 4.22 27.32 -8.83
C HIS A 246 4.37 27.02 -7.34
N ARG A 247 3.59 26.07 -6.84
CA ARG A 247 3.52 25.86 -5.41
C ARG A 247 3.73 24.41 -5.02
N VAL A 248 3.32 24.07 -3.80
CA VAL A 248 3.70 22.80 -3.19
C VAL A 248 3.16 21.62 -4.00
N ASP A 249 4.06 20.74 -4.43
CA ASP A 249 3.72 19.44 -4.98
C ASP A 249 5.01 18.65 -5.08
N PHE A 250 4.89 17.37 -5.49
CA PHE A 250 6.03 16.47 -5.43
C PHE A 250 7.15 16.89 -6.37
N LEU A 251 6.83 17.07 -7.65
CA LEU A 251 7.87 17.33 -8.64
C LEU A 251 8.60 18.63 -8.37
N GLN A 252 7.88 19.64 -7.89
CA GLN A 252 8.52 20.93 -7.61
C GLN A 252 9.46 20.82 -6.41
N LEU A 253 9.00 20.19 -5.33
CA LEU A 253 9.83 19.98 -4.16
C LEU A 253 10.88 18.89 -4.38
N MET A 254 10.90 18.27 -5.56
CA MET A 254 12.01 17.44 -5.99
C MET A 254 12.91 18.13 -7.00
N ILE A 255 12.36 19.09 -7.76
CA ILE A 255 13.17 19.84 -8.71
C ILE A 255 14.00 20.92 -8.03
N ASP A 256 13.66 21.30 -6.80
CA ASP A 256 14.47 22.25 -6.06
C ASP A 256 15.80 21.63 -5.63
N SER A 257 15.80 20.33 -5.34
CA SER A 257 17.05 19.62 -5.09
C SER A 257 17.75 19.21 -6.38
N GLN A 258 17.08 19.34 -7.53
CA GLN A 258 17.74 19.10 -8.81
C GLN A 258 18.73 20.21 -9.16
N ASN A 259 18.56 21.40 -8.59
CA ASN A 259 19.45 22.51 -8.87
C ASN A 259 19.89 23.20 -7.58
N HIS A 266 27.08 12.76 -0.86
CA HIS A 266 25.82 12.38 -1.52
C HIS A 266 24.94 13.58 -1.77
N LYS A 267 24.57 13.84 -3.02
CA LYS A 267 23.75 15.00 -3.30
C LYS A 267 23.32 15.14 -4.76
N ALA A 268 22.13 15.72 -4.99
CA ALA A 268 21.54 15.97 -6.31
C ALA A 268 20.74 14.81 -6.86
N LEU A 269 19.70 15.07 -7.64
CA LEU A 269 18.94 13.96 -8.21
C LEU A 269 18.94 13.89 -9.70
N SER A 270 19.55 12.86 -10.21
CA SER A 270 19.60 12.81 -11.66
C SER A 270 18.23 13.12 -12.26
N ASP A 271 18.23 13.57 -13.52
CA ASP A 271 16.98 13.82 -14.20
C ASP A 271 16.18 12.54 -14.39
N LEU A 272 16.87 11.42 -14.65
CA LEU A 272 16.19 10.14 -14.79
C LEU A 272 15.76 9.57 -13.45
N GLU A 273 16.56 9.79 -12.40
CA GLU A 273 16.20 9.29 -11.07
C GLU A 273 14.92 9.97 -10.58
N LEU A 274 14.84 11.29 -10.71
CA LEU A 274 13.65 12.02 -10.28
C LEU A 274 12.41 11.57 -11.05
N VAL A 275 12.58 11.23 -12.34
CA VAL A 275 11.46 10.70 -13.10
C VAL A 275 11.03 9.34 -12.55
N ALA A 276 11.99 8.52 -12.15
CA ALA A 276 11.67 7.22 -11.57
C ALA A 276 10.91 7.36 -10.26
N GLN A 277 11.22 8.39 -9.47
CA GLN A 277 10.48 8.62 -8.24
C GLN A 277 9.08 9.14 -8.52
N SER A 278 8.89 9.86 -9.63
CA SER A 278 7.55 10.31 -10.00
C SER A 278 6.70 9.14 -10.46
N ILE A 279 7.30 8.16 -11.13
CA ILE A 279 6.57 6.99 -11.58
C ILE A 279 6.23 6.09 -10.39
N ILE A 280 7.16 5.95 -9.45
CA ILE A 280 6.92 5.06 -8.32
C ILE A 280 5.82 5.60 -7.41
N PHE A 281 5.65 6.93 -7.37
CA PHE A 281 4.60 7.51 -6.54
C PHE A 281 3.22 7.23 -7.13
N ILE A 282 3.11 7.18 -8.45
CA ILE A 282 1.83 6.83 -9.08
C ILE A 282 1.51 5.38 -8.85
N PHE A 283 2.48 4.49 -9.10
CA PHE A 283 2.33 3.10 -8.72
C PHE A 283 2.19 2.92 -7.21
N ALA A 284 2.48 3.96 -6.42
CA ALA A 284 2.30 3.93 -4.98
C ALA A 284 0.90 4.36 -4.56
N GLY A 285 0.47 5.54 -4.99
CA GLY A 285 -0.76 6.10 -4.48
C GLY A 285 -2.01 5.60 -5.16
N TYR A 286 -1.94 5.29 -6.45
CA TYR A 286 -3.13 5.00 -7.24
C TYR A 286 -3.97 3.82 -6.77
N GLU A 287 -3.40 2.61 -6.80
CA GLU A 287 -4.20 1.42 -6.51
C GLU A 287 -4.31 1.25 -5.00
N THR A 288 -3.29 1.69 -4.24
CA THR A 288 -3.33 1.52 -2.79
C THR A 288 -4.41 2.39 -2.17
N THR A 289 -4.56 3.64 -2.64
CA THR A 289 -5.60 4.50 -2.10
C THR A 289 -6.99 4.02 -2.51
N SER A 290 -7.15 3.64 -3.78
CA SER A 290 -8.48 3.25 -4.26
C SER A 290 -8.92 1.92 -3.67
N SER A 291 -7.97 0.99 -3.46
CA SER A 291 -8.34 -0.32 -2.92
C SER A 291 -8.79 -0.21 -1.47
N VAL A 292 -8.01 0.50 -0.65
CA VAL A 292 -8.38 0.67 0.75
C VAL A 292 -9.70 1.42 0.88
N LEU A 293 -9.90 2.45 0.05
CA LEU A 293 -11.18 3.15 0.04
C LEU A 293 -12.33 2.22 -0.33
N SER A 294 -12.06 1.22 -1.18
CA SER A 294 -13.10 0.25 -1.52
C SER A 294 -13.40 -0.67 -0.34
N PHE A 295 -12.37 -1.06 0.42
CA PHE A 295 -12.59 -1.90 1.58
C PHE A 295 -13.31 -1.14 2.70
N ILE A 296 -13.15 0.18 2.74
CA ILE A 296 -13.79 0.97 3.79
C ILE A 296 -15.29 1.08 3.53
N MET A 297 -15.68 1.36 2.28
CA MET A 297 -17.09 1.49 1.97
C MET A 297 -17.81 0.16 2.05
N TYR A 298 -17.10 -0.95 1.88
CA TYR A 298 -17.70 -2.26 2.08
C TYR A 298 -18.06 -2.46 3.55
N GLU A 299 -17.17 -2.10 4.46
CA GLU A 299 -17.43 -2.27 5.89
C GLU A 299 -18.54 -1.32 6.35
N LEU A 300 -18.55 -0.10 5.84
CA LEU A 300 -19.61 0.83 6.21
C LEU A 300 -20.97 0.38 5.68
N ALA A 301 -20.99 -0.39 4.59
CA ALA A 301 -22.25 -0.92 4.08
C ALA A 301 -22.70 -2.14 4.87
N THR A 302 -21.81 -3.11 5.07
CA THR A 302 -22.13 -4.30 5.83
C THR A 302 -22.32 -4.02 7.32
N HIS A 303 -21.94 -2.83 7.78
CA HIS A 303 -22.15 -2.41 9.17
C HIS A 303 -22.74 -1.00 9.14
N PRO A 304 -24.05 -0.88 8.89
CA PRO A 304 -24.65 0.45 8.81
C PRO A 304 -24.59 1.24 10.11
N ASP A 305 -24.47 0.57 11.25
CA ASP A 305 -24.35 1.28 12.52
C ASP A 305 -23.06 2.10 12.57
N VAL A 306 -21.97 1.56 12.04
CA VAL A 306 -20.71 2.30 11.99
C VAL A 306 -20.83 3.48 11.04
N GLN A 307 -21.57 3.31 9.94
CA GLN A 307 -21.72 4.39 8.97
C GLN A 307 -22.52 5.56 9.56
N GLN A 308 -23.48 5.27 10.44
CA GLN A 308 -24.28 6.34 11.03
C GLN A 308 -23.49 7.11 12.09
N LYS A 309 -22.79 6.40 12.97
CA LYS A 309 -22.00 7.06 14.00
C LYS A 309 -20.88 7.88 13.40
N LEU A 310 -20.34 7.46 12.25
CA LEU A 310 -19.32 8.24 11.57
C LEU A 310 -19.92 9.45 10.85
N GLN A 311 -21.10 9.27 10.25
CA GLN A 311 -21.76 10.39 9.59
C GLN A 311 -22.21 11.46 10.57
N GLU A 312 -22.28 11.15 11.87
CA GLU A 312 -22.66 12.13 12.87
C GLU A 312 -21.46 12.85 13.47
N GLU A 313 -20.29 12.20 13.51
CA GLU A 313 -19.09 12.91 13.95
C GLU A 313 -18.59 13.87 12.88
N ILE A 314 -18.82 13.54 11.61
CA ILE A 314 -18.45 14.45 10.53
C ILE A 314 -19.31 15.71 10.56
N ASP A 315 -20.62 15.54 10.74
CA ASP A 315 -21.52 16.69 10.83
C ASP A 315 -21.30 17.49 12.10
N ALA A 316 -20.69 16.89 13.13
CA ALA A 316 -20.40 17.63 14.36
C ALA A 316 -19.15 18.49 14.20
N VAL A 317 -18.05 17.89 13.74
CA VAL A 317 -16.82 18.64 13.52
C VAL A 317 -16.99 19.61 12.36
N LEU A 318 -17.68 19.17 11.29
CA LEU A 318 -17.95 19.99 10.11
C LEU A 318 -19.45 20.20 9.97
N PRO A 319 -20.01 21.20 10.64
CA PRO A 319 -21.44 21.49 10.45
C PRO A 319 -21.71 22.09 9.09
N ASN A 320 -22.98 22.03 8.68
CA ASN A 320 -23.45 22.67 7.44
C ASN A 320 -22.73 22.14 6.21
N LYS A 321 -22.23 20.90 6.29
CA LYS A 321 -21.41 20.31 5.22
C LYS A 321 -20.21 21.20 4.91
N ALA A 322 -19.54 21.66 5.97
CA ALA A 322 -18.41 22.57 5.79
C ALA A 322 -17.26 21.85 5.09
N PRO A 323 -16.51 22.55 4.24
CA PRO A 323 -15.35 21.92 3.58
C PRO A 323 -14.28 21.58 4.59
N PRO A 324 -13.70 20.39 4.51
CA PRO A 324 -12.70 19.99 5.50
C PRO A 324 -11.39 20.74 5.32
N THR A 325 -10.68 20.92 6.44
CA THR A 325 -9.36 21.51 6.46
C THR A 325 -8.37 20.52 7.06
N TYR A 326 -7.09 20.92 7.10
CA TYR A 326 -6.07 20.04 7.66
C TYR A 326 -6.33 19.77 9.13
N ASP A 327 -6.76 20.80 9.88
CA ASP A 327 -6.94 20.65 11.33
C ASP A 327 -8.19 19.84 11.66
N THR A 328 -9.26 20.01 10.88
CA THR A 328 -10.52 19.34 11.17
C THR A 328 -10.47 17.85 10.87
N VAL A 329 -9.52 17.39 10.06
CA VAL A 329 -9.41 15.96 9.78
C VAL A 329 -8.74 15.24 10.94
N LEU A 330 -7.65 15.79 11.48
CA LEU A 330 -7.04 15.22 12.67
C LEU A 330 -7.96 15.27 13.87
N GLN A 331 -8.98 16.13 13.84
CA GLN A 331 -9.90 16.25 14.97
C GLN A 331 -10.86 15.06 15.03
N MET A 332 -11.31 14.58 13.88
CA MET A 332 -12.25 13.46 13.84
C MET A 332 -11.52 12.18 14.27
N GLU A 333 -11.92 11.65 15.44
CA GLU A 333 -11.27 10.47 15.98
C GLU A 333 -11.95 9.17 15.54
N TYR A 334 -13.28 9.16 15.47
CA TYR A 334 -13.98 7.97 15.01
C TYR A 334 -13.69 7.68 13.54
N LEU A 335 -13.30 8.69 12.77
CA LEU A 335 -12.91 8.46 11.38
C LEU A 335 -11.58 7.71 11.31
N ASP A 336 -10.61 8.10 12.14
CA ASP A 336 -9.33 7.39 12.17
C ASP A 336 -9.50 5.97 12.69
N MET A 337 -10.48 5.75 13.57
CA MET A 337 -10.76 4.40 14.04
C MET A 337 -11.32 3.52 12.93
N VAL A 338 -12.12 4.10 12.03
CA VAL A 338 -12.65 3.33 10.91
C VAL A 338 -11.55 3.01 9.91
N VAL A 339 -10.66 3.97 9.65
CA VAL A 339 -9.58 3.73 8.71
C VAL A 339 -8.60 2.69 9.26
N ASN A 340 -8.31 2.74 10.56
CA ASN A 340 -7.35 1.82 11.14
C ASN A 340 -7.91 0.42 11.25
N GLU A 341 -9.20 0.28 11.59
CA GLU A 341 -9.79 -1.04 11.72
C GLU A 341 -9.98 -1.71 10.37
N THR A 342 -10.19 -0.93 9.31
CA THR A 342 -10.27 -1.51 7.97
C THR A 342 -8.90 -1.98 7.48
N LEU A 343 -7.85 -1.24 7.83
CA LEU A 343 -6.50 -1.65 7.44
C LEU A 343 -6.07 -2.91 8.17
N ARG A 344 -6.61 -3.16 9.37
CA ARG A 344 -6.30 -4.39 10.08
C ARG A 344 -6.90 -5.60 9.36
N LEU A 345 -8.18 -5.51 9.00
CA LEU A 345 -8.82 -6.61 8.29
C LEU A 345 -8.28 -6.76 6.87
N PHE A 346 -7.86 -5.67 6.24
CA PHE A 346 -7.35 -5.68 4.88
C PHE A 346 -6.02 -4.93 4.81
N PRO A 347 -4.94 -5.53 5.32
CA PRO A 347 -3.61 -4.93 5.12
C PRO A 347 -3.10 -5.17 3.70
N ILE A 348 -3.18 -4.14 2.85
CA ILE A 348 -2.85 -4.29 1.44
C ILE A 348 -1.40 -4.73 1.22
N ALA A 349 -0.52 -4.47 2.20
CA ALA A 349 0.85 -4.95 2.09
C ALA A 349 0.96 -6.44 2.33
N MET A 350 0.13 -6.99 3.23
CA MET A 350 0.10 -8.42 3.55
C MET A 350 1.40 -8.80 4.24
N ARG A 351 2.54 -8.59 3.57
CA ARG A 351 3.84 -8.95 4.12
C ARG A 351 4.79 -7.76 4.23
N LEU A 352 5.75 -7.89 5.15
CA LEU A 352 6.87 -6.96 5.27
C LEU A 352 8.15 -7.78 5.24
N GLU A 353 9.03 -7.47 4.30
CA GLU A 353 10.21 -8.30 4.04
C GLU A 353 11.48 -7.47 4.14
N ARG A 354 12.53 -8.09 4.66
CA ARG A 354 13.86 -7.49 4.75
C ARG A 354 14.91 -8.55 4.43
N VAL A 355 15.94 -8.14 3.72
CA VAL A 355 17.03 -9.04 3.35
C VAL A 355 18.12 -8.97 4.41
N CYS A 356 18.53 -10.14 4.92
CA CYS A 356 19.60 -10.21 5.90
C CYS A 356 20.94 -10.04 5.20
N LYS A 357 21.72 -9.05 5.63
CA LYS A 357 22.97 -8.74 4.96
C LYS A 357 24.10 -9.64 5.45
N LYS A 358 24.30 -9.73 6.76
CA LYS A 358 25.40 -10.52 7.31
C LYS A 358 24.88 -11.53 8.33
N ASP A 359 25.82 -12.19 9.02
CA ASP A 359 25.47 -13.17 10.05
C ASP A 359 25.22 -12.47 11.36
N VAL A 360 23.98 -12.53 11.85
CA VAL A 360 23.58 -11.88 13.09
C VAL A 360 22.79 -12.87 13.93
N GLU A 361 22.69 -12.54 15.23
CA GLU A 361 21.93 -13.35 16.18
C GLU A 361 20.97 -12.41 16.91
N ILE A 362 19.72 -12.35 16.44
CA ILE A 362 18.74 -11.41 16.95
C ILE A 362 17.81 -12.13 17.93
N ASN A 363 17.67 -11.56 19.14
CA ASN A 363 16.70 -12.03 20.13
C ASN A 363 16.81 -13.53 20.39
N GLY A 364 18.05 -14.03 20.36
CA GLY A 364 18.29 -15.42 20.69
C GLY A 364 18.79 -16.29 19.55
N MET A 365 18.11 -16.27 18.42
CA MET A 365 18.42 -17.16 17.30
C MET A 365 19.34 -16.49 16.30
N PHE A 366 20.11 -17.31 15.60
CA PHE A 366 21.11 -16.85 14.64
C PHE A 366 20.52 -16.83 13.23
N ILE A 367 20.67 -15.70 12.54
CA ILE A 367 20.12 -15.51 11.21
C ILE A 367 21.29 -15.54 10.22
N PRO A 368 21.36 -16.52 9.33
CA PRO A 368 22.48 -16.56 8.37
C PRO A 368 22.35 -15.51 7.29
N LYS A 369 23.44 -15.29 6.59
CA LYS A 369 23.51 -14.25 5.57
C LYS A 369 22.75 -14.65 4.32
N GLY A 370 21.88 -13.76 3.85
CA GLY A 370 21.16 -13.95 2.60
C GLY A 370 19.74 -14.45 2.74
N VAL A 371 19.23 -14.61 3.96
CA VAL A 371 17.89 -15.14 4.18
C VAL A 371 16.90 -13.98 4.23
N VAL A 372 15.83 -14.09 3.46
CA VAL A 372 14.77 -13.08 3.46
C VAL A 372 13.93 -13.25 4.71
N VAL A 373 13.87 -12.20 5.52
CA VAL A 373 13.07 -12.20 6.75
C VAL A 373 11.72 -11.58 6.43
N MET A 374 10.66 -12.34 6.63
CA MET A 374 9.30 -11.92 6.28
C MET A 374 8.44 -11.81 7.53
N ILE A 375 7.59 -10.79 7.55
CA ILE A 375 6.64 -10.59 8.65
C ILE A 375 5.23 -10.76 8.10
N PRO A 376 4.50 -11.82 8.46
CA PRO A 376 3.14 -11.98 7.94
C PRO A 376 2.16 -10.98 8.54
N SER A 377 1.99 -9.84 7.87
CA SER A 377 1.15 -8.78 8.41
C SER A 377 -0.33 -9.17 8.43
N TYR A 378 -0.78 -9.90 7.39
CA TYR A 378 -2.17 -10.29 7.33
C TYR A 378 -2.54 -11.26 8.45
N ALA A 379 -1.66 -12.24 8.71
CA ALA A 379 -1.97 -13.26 9.71
C ALA A 379 -1.95 -12.67 11.13
N LEU A 380 -0.98 -11.81 11.43
CA LEU A 380 -0.90 -11.23 12.76
C LEU A 380 -2.07 -10.31 13.05
N HIS A 381 -2.63 -9.66 12.03
CA HIS A 381 -3.80 -8.83 12.21
C HIS A 381 -5.07 -9.64 12.50
N ARG A 382 -5.01 -10.97 12.37
CA ARG A 382 -6.15 -11.83 12.63
C ARG A 382 -5.80 -12.93 13.63
N ASP A 383 -4.77 -12.74 14.44
CA ASP A 383 -4.38 -13.71 15.44
C ASP A 383 -5.25 -13.56 16.68
N PRO A 384 -5.98 -14.60 17.11
CA PRO A 384 -6.83 -14.47 18.30
C PRO A 384 -6.05 -14.18 19.58
N LYS A 385 -4.72 -14.37 19.60
CA LYS A 385 -3.96 -14.09 20.80
C LYS A 385 -3.85 -12.61 21.10
N TYR A 386 -3.98 -11.75 20.07
CA TYR A 386 -3.94 -10.31 20.27
C TYR A 386 -5.27 -9.62 19.98
N TRP A 387 -6.16 -10.25 19.22
CA TRP A 387 -7.39 -9.62 18.76
C TRP A 387 -8.59 -10.44 19.23
N THR A 388 -9.57 -9.75 19.81
CA THR A 388 -10.85 -10.35 20.16
C THR A 388 -11.77 -10.26 18.95
N GLU A 389 -12.46 -11.37 18.63
CA GLU A 389 -13.25 -11.52 17.42
C GLU A 389 -12.44 -11.06 16.21
N PRO A 390 -11.44 -11.84 15.77
CA PRO A 390 -10.56 -11.35 14.70
C PRO A 390 -11.28 -11.07 13.39
N GLU A 391 -12.28 -11.88 13.04
CA GLU A 391 -13.00 -11.70 11.80
C GLU A 391 -14.03 -10.59 11.85
N LYS A 392 -14.26 -10.00 13.02
CA LYS A 392 -15.27 -8.96 13.17
C LYS A 392 -14.68 -7.58 12.90
N PHE A 393 -15.53 -6.69 12.40
CA PHE A 393 -15.16 -5.31 12.12
C PHE A 393 -15.67 -4.46 13.27
N LEU A 394 -14.81 -4.25 14.27
CA LEU A 394 -15.15 -3.52 15.49
C LEU A 394 -14.27 -2.27 15.58
N PRO A 395 -14.74 -1.14 15.08
CA PRO A 395 -13.93 0.09 15.13
C PRO A 395 -13.58 0.53 16.55
N GLU A 396 -14.36 0.14 17.55
CA GLU A 396 -14.05 0.48 18.94
C GLU A 396 -12.74 -0.13 19.40
N ARG A 397 -12.12 -1.00 18.60
CA ARG A 397 -10.81 -1.55 18.94
C ARG A 397 -9.74 -0.47 19.04
N PHE A 398 -9.95 0.69 18.41
CA PHE A 398 -8.98 1.76 18.38
C PHE A 398 -9.47 3.01 19.11
N SER A 399 -10.30 2.84 20.13
CA SER A 399 -10.69 3.96 20.97
C SER A 399 -9.57 4.28 21.96
N LYS A 400 -9.61 5.50 22.51
CA LYS A 400 -8.63 5.88 23.53
C LYS A 400 -8.69 4.95 24.74
N LYS A 401 -9.86 4.36 25.00
CA LYS A 401 -9.96 3.33 26.03
C LYS A 401 -9.28 2.04 25.62
N ASN A 402 -9.08 1.81 24.31
CA ASN A 402 -8.48 0.60 23.81
C ASN A 402 -7.25 0.85 22.93
N LYS A 403 -6.75 2.10 22.89
CA LYS A 403 -5.57 2.39 22.10
C LYS A 403 -4.33 1.66 22.59
N ASP A 404 -4.30 1.26 23.85
CA ASP A 404 -3.10 0.72 24.47
C ASP A 404 -3.05 -0.81 24.48
N ASN A 405 -4.16 -1.48 24.22
CA ASN A 405 -4.20 -2.95 24.15
C ASN A 405 -3.69 -3.49 22.83
N ILE A 406 -2.99 -2.68 22.04
CA ILE A 406 -2.54 -3.04 20.70
C ILE A 406 -1.03 -2.87 20.64
N ASP A 407 -0.33 -3.98 20.42
CA ASP A 407 1.12 -3.92 20.28
C ASP A 407 1.47 -3.22 18.96
N PRO A 408 2.29 -2.16 18.98
CA PRO A 408 2.57 -1.43 17.73
C PRO A 408 3.33 -2.24 16.70
N TYR A 409 3.97 -3.35 17.08
CA TYR A 409 4.70 -4.18 16.15
C TYR A 409 3.90 -5.39 15.68
N ILE A 410 2.62 -5.46 16.04
CA ILE A 410 1.73 -6.46 15.48
C ILE A 410 0.81 -5.85 14.44
N TYR A 411 0.39 -4.60 14.64
CA TYR A 411 -0.43 -3.87 13.68
C TYR A 411 0.48 -2.88 12.96
N THR A 412 0.91 -3.25 11.75
CA THR A 412 1.79 -2.41 10.93
C THR A 412 1.29 -2.40 9.49
N PRO A 413 0.23 -1.65 9.21
CA PRO A 413 -0.23 -1.52 7.82
C PRO A 413 0.63 -0.58 6.99
N PHE A 414 1.47 0.23 7.61
CA PHE A 414 2.39 1.12 6.91
C PHE A 414 3.85 0.77 7.19
N GLY A 415 4.10 -0.42 7.73
CA GLY A 415 5.44 -0.81 8.10
C GLY A 415 5.89 -0.14 9.39
N SER A 416 7.18 -0.27 9.65
CA SER A 416 7.78 0.32 10.85
C SER A 416 9.29 0.41 10.66
N GLY A 417 9.88 1.44 11.25
CA GLY A 417 11.32 1.63 11.20
C GLY A 417 11.73 2.66 10.18
N PRO A 418 13.04 2.71 9.88
CA PRO A 418 13.54 3.68 8.90
C PRO A 418 12.96 3.49 7.50
N ARG A 419 12.61 2.26 7.13
CA ARG A 419 12.07 2.02 5.80
C ARG A 419 10.60 1.63 5.87
N ASN A 420 9.77 2.49 6.47
CA ASN A 420 8.34 2.30 6.49
C ASN A 420 7.71 3.10 5.34
N CYS A 421 6.40 3.26 5.39
CA CYS A 421 5.70 3.99 4.34
C CYS A 421 6.06 5.47 4.40
N ILE A 422 6.73 5.97 3.36
CA ILE A 422 7.13 7.37 3.34
C ILE A 422 5.94 8.28 3.08
N GLY A 423 4.85 7.75 2.55
CA GLY A 423 3.67 8.54 2.28
C GLY A 423 2.49 8.17 3.15
N MET A 424 2.77 7.77 4.39
CA MET A 424 1.70 7.38 5.31
C MET A 424 0.85 8.59 5.69
N ARG A 425 1.50 9.71 6.01
CA ARG A 425 0.75 10.92 6.35
C ARG A 425 -0.03 11.46 5.17
N PHE A 426 0.48 11.26 3.95
CA PHE A 426 -0.25 11.68 2.76
C PHE A 426 -1.43 10.75 2.47
N ALA A 427 -1.22 9.44 2.62
CA ALA A 427 -2.27 8.48 2.31
C ALA A 427 -3.43 8.59 3.30
N LEU A 428 -3.12 8.75 4.59
CA LEU A 428 -4.18 8.89 5.58
C LEU A 428 -4.99 10.15 5.36
N MET A 429 -4.32 11.27 5.08
CA MET A 429 -5.03 12.52 4.86
C MET A 429 -5.82 12.48 3.55
N ASN A 430 -5.28 11.84 2.52
CA ASN A 430 -5.97 11.78 1.24
C ASN A 430 -7.21 10.89 1.30
N MET A 431 -7.11 9.75 1.99
CA MET A 431 -8.26 8.86 2.09
C MET A 431 -9.35 9.46 2.98
N LYS A 432 -8.96 10.10 4.09
CA LYS A 432 -9.94 10.68 4.99
C LYS A 432 -10.69 11.83 4.34
N LEU A 433 -9.98 12.70 3.61
CA LEU A 433 -10.63 13.81 2.94
C LEU A 433 -11.67 13.32 1.93
N ALA A 434 -11.42 12.19 1.28
CA ALA A 434 -12.42 11.62 0.38
C ALA A 434 -13.58 11.02 1.16
N LEU A 435 -13.28 10.34 2.28
CA LEU A 435 -14.33 9.73 3.09
C LEU A 435 -15.26 10.77 3.70
N ILE A 436 -14.74 11.96 4.00
CA ILE A 436 -15.56 12.99 4.65
C ILE A 436 -16.60 13.53 3.68
N ARG A 437 -16.15 14.10 2.56
CA ARG A 437 -17.07 14.72 1.61
C ARG A 437 -17.94 13.71 0.87
N VAL A 438 -17.61 12.42 0.93
CA VAL A 438 -18.49 11.40 0.37
C VAL A 438 -19.59 11.05 1.36
N LEU A 439 -19.23 10.83 2.62
CA LEU A 439 -20.22 10.53 3.65
C LEU A 439 -21.06 11.75 4.03
N GLN A 440 -20.65 12.95 3.64
CA GLN A 440 -21.46 14.14 3.92
C GLN A 440 -22.70 14.20 3.04
N ASN A 441 -22.66 13.58 1.86
CA ASN A 441 -23.74 13.68 0.90
C ASN A 441 -24.39 12.36 0.51
N PHE A 442 -23.76 11.22 0.80
CA PHE A 442 -24.25 9.94 0.32
C PHE A 442 -24.35 8.93 1.45
N SER A 443 -25.31 8.02 1.32
CA SER A 443 -25.48 6.88 2.20
C SER A 443 -25.29 5.60 1.39
N PHE A 444 -25.05 4.49 2.09
CA PHE A 444 -24.68 3.24 1.44
C PHE A 444 -25.43 2.09 2.08
N LYS A 445 -26.25 1.41 1.27
CA LYS A 445 -27.02 0.24 1.71
C LYS A 445 -26.71 -0.89 0.75
N PRO A 446 -26.27 -2.05 1.24
CA PRO A 446 -25.73 -3.10 0.34
C PRO A 446 -26.76 -3.59 -0.67
N CYS A 447 -26.24 -4.23 -1.71
CA CYS A 447 -27.02 -4.69 -2.86
C CYS A 447 -26.96 -6.22 -2.95
N LYS A 448 -27.53 -6.76 -4.02
CA LYS A 448 -27.56 -8.20 -4.22
C LYS A 448 -26.22 -8.73 -4.71
N GLU A 449 -25.64 -8.09 -5.74
CA GLU A 449 -24.36 -8.52 -6.28
C GLU A 449 -23.23 -8.43 -5.26
N THR A 450 -23.47 -7.78 -4.12
CA THR A 450 -22.45 -7.62 -3.09
C THR A 450 -22.06 -8.96 -2.50
N GLN A 451 -20.83 -9.40 -2.79
CA GLN A 451 -20.27 -10.62 -2.22
C GLN A 451 -20.17 -10.52 -0.70
N ILE A 452 -21.05 -11.21 0.03
CA ILE A 452 -21.11 -11.14 1.47
C ILE A 452 -21.08 -12.55 2.04
N PRO A 453 -20.08 -12.92 2.85
CA PRO A 453 -18.94 -12.06 3.21
C PRO A 453 -17.93 -11.97 2.07
N LEU A 454 -17.23 -10.83 1.98
CA LEU A 454 -16.30 -10.59 0.88
C LEU A 454 -15.17 -11.62 0.88
N LYS A 455 -15.25 -12.58 -0.03
CA LYS A 455 -14.17 -13.54 -0.21
C LYS A 455 -13.00 -12.87 -0.92
N LEU A 456 -11.87 -12.77 -0.22
CA LEU A 456 -10.72 -12.05 -0.75
C LEU A 456 -10.14 -12.77 -1.96
N SER A 457 -9.48 -12.00 -2.83
CA SER A 457 -8.87 -12.57 -4.03
C SER A 457 -7.77 -13.55 -3.66
N LEU A 458 -7.88 -14.77 -4.17
CA LEU A 458 -6.89 -15.82 -3.94
C LEU A 458 -5.64 -15.64 -4.78
N GLY A 459 -5.49 -14.51 -5.47
CA GLY A 459 -4.36 -14.28 -6.34
C GLY A 459 -3.08 -13.89 -5.62
N GLY A 460 -2.41 -12.87 -6.13
CA GLY A 460 -1.12 -12.48 -5.58
C GLY A 460 -1.09 -11.07 -4.99
N LEU A 461 -2.26 -10.47 -4.80
CA LEU A 461 -2.34 -9.15 -4.18
C LEU A 461 -3.71 -8.99 -3.54
N LEU A 462 -3.73 -8.34 -2.38
CA LEU A 462 -4.95 -8.17 -1.59
C LEU A 462 -5.98 -7.34 -2.36
N GLN A 463 -6.88 -8.02 -3.06
CA GLN A 463 -7.92 -7.39 -3.86
C GLN A 463 -9.25 -8.09 -3.59
N PRO A 464 -10.36 -7.47 -3.98
CA PRO A 464 -11.62 -8.21 -3.99
C PRO A 464 -11.65 -9.21 -5.14
N GLU A 465 -12.23 -10.38 -4.88
CA GLU A 465 -12.33 -11.40 -5.92
C GLU A 465 -13.12 -10.88 -7.11
N LYS A 466 -14.32 -10.35 -6.85
CA LYS A 466 -15.08 -9.60 -7.83
C LYS A 466 -15.21 -8.15 -7.37
N PRO A 467 -15.09 -7.19 -8.28
CA PRO A 467 -15.14 -5.78 -7.89
C PRO A 467 -16.33 -5.47 -7.00
N VAL A 468 -16.07 -4.70 -5.93
CA VAL A 468 -17.08 -4.35 -4.94
C VAL A 468 -18.15 -3.50 -5.61
N VAL A 469 -19.30 -4.09 -5.88
CA VAL A 469 -20.41 -3.41 -6.54
C VAL A 469 -21.52 -3.22 -5.51
N LEU A 470 -21.79 -1.96 -5.16
CA LEU A 470 -22.78 -1.60 -4.15
C LEU A 470 -23.69 -0.51 -4.69
N LYS A 471 -24.82 -0.31 -4.01
CA LYS A 471 -25.74 0.76 -4.36
C LYS A 471 -25.24 2.10 -3.81
N VAL A 472 -25.82 3.18 -4.32
CA VAL A 472 -25.47 4.54 -3.92
C VAL A 472 -26.74 5.36 -3.87
N GLU A 473 -26.96 6.02 -2.73
CA GLU A 473 -28.11 6.89 -2.54
C GLU A 473 -27.64 8.27 -2.10
N SER A 474 -28.53 9.25 -2.21
CA SER A 474 -28.22 10.63 -1.88
C SER A 474 -28.90 11.03 -0.57
N ARG A 475 -28.25 11.92 0.16
CA ARG A 475 -28.80 12.45 1.41
C ARG A 475 -29.58 13.72 1.15
CHA HEM B . 6.28 1.67 1.59
CHB HEM B . 1.71 1.05 3.12
CHC HEM B . 0.26 4.72 0.30
CHD HEM B . 4.85 5.42 -1.14
C1A HEM B . 5.17 1.15 2.22
C2A HEM B . 5.13 -0.04 3.05
C3A HEM B . 3.88 -0.21 3.47
C4A HEM B . 3.06 0.87 2.92
CMA HEM B . 3.38 -1.34 4.39
CAA HEM B . 6.34 -0.93 3.39
CBA HEM B . 6.86 -0.60 4.78
CGA HEM B . 7.91 -1.59 5.18
O1A HEM B . 8.35 -1.57 6.36
O2A HEM B . 8.33 -2.40 4.31
C1B HEM B . 0.91 1.96 2.47
C2B HEM B . -0.53 2.06 2.57
C3B HEM B . -0.94 3.08 1.78
C4B HEM B . 0.24 3.65 1.17
CMB HEM B . -1.38 1.12 3.45
CAB HEM B . -2.37 3.63 1.51
CBB HEM B . -3.49 3.15 2.06
C1C HEM B . 1.40 5.29 -0.26
C2C HEM B . 1.45 6.55 -0.96
C3C HEM B . 2.72 6.76 -1.35
C4C HEM B . 3.50 5.61 -0.92
CMC HEM B . 0.22 7.46 -1.17
CAC HEM B . 3.36 7.94 -2.14
CBC HEM B . 2.69 9.01 -2.58
C1D HEM B . 5.64 4.45 -0.56
C2D HEM B . 7.04 4.22 -0.81
C3D HEM B . 7.43 3.18 -0.06
C4D HEM B . 6.29 2.73 0.70
CMD HEM B . 7.92 5.04 -1.78
CAD HEM B . 8.86 2.59 -0.01
CBD HEM B . 9.73 3.45 0.91
CGD HEM B . 11.11 2.85 1.02
O1D HEM B . 12.00 3.51 1.62
O2D HEM B . 11.32 1.73 0.50
NA HEM B . 3.89 1.67 2.16
NB HEM B . 1.35 2.94 1.61
NC HEM B . 2.66 4.74 -0.26
ND HEM B . 5.21 3.52 0.37
FE HEM B . 3.28 3.25 1.00
C10 YNV C . 6.40 -2.25 -7.69
C13 YNV C . 6.68 -4.91 -6.56
C20 YNV C . 6.20 -4.31 -0.71
C23 YNV C . 5.18 -1.71 -1.51
C27 YNV C . 4.48 -6.19 -5.08
C30 YNV C . 8.04 -7.10 -5.81
C36 YNV C . 4.68 -4.07 -0.87
C40 YNV C . 4.76 -0.54 -2.42
C42 YNV C . 4.45 1.85 -2.68
C45 YNV C . 2.87 -0.02 -0.76
C01 YNV C . 8.21 -3.08 -5.60
C02 YNV C . 8.73 -3.73 -4.30
C03 YNV C . 8.16 -3.43 -3.12
C04 YNV C . 7.00 -2.43 -3.03
C05 YNV C . 3.90 -2.25 -6.97
C06 YNV C . 3.85 -0.86 -7.61
C07 YNV C . 5.19 -0.15 -7.44
C09 YNV C . 6.37 -0.92 -7.77
C11 YNV C . 7.68 -3.07 -7.94
C12 YNV C . 7.94 -4.04 -6.77
C14 YNV C . 5.42 -4.08 -6.24
C15 YNV C . 3.99 -5.38 -1.32
C16 YNV C . 4.40 -6.60 -0.48
C17 YNV C . 5.92 -6.73 -0.40
C19 YNV C . 6.70 -5.52 -0.43
C21 YNV C . 7.11 -3.07 -0.62
C22 YNV C . 6.70 -1.97 -1.60
C24 YNV C . 4.42 -2.99 -1.93
C25 YNV C . 5.14 -3.09 -7.38
C26 YNV C . 4.21 -5.01 -6.02
C28 YNV C . 5.63 -7.06 -5.62
C29 YNV C . 6.86 -6.14 -5.62
C31 YNV C . 7.65 -8.32 -4.95
C32 YNV C . 6.13 -8.17 -4.69
C34 YNV C . 5.28 -7.62 -7.01
C35 YNV C . 4.76 -3.83 -8.68
C37 YNV C . 2.91 -2.76 -2.09
C38 YNV C . 2.53 -1.45 -2.83
C39 YNV C . 3.27 -0.25 -2.23
C41 YNV C . 5.50 0.80 -2.28
C43 YNV C . 3.15 1.09 -3.00
C46 YNV C . 4.09 -3.66 0.49
O08 YNV C . 5.27 0.98 -7.02
O18 YNV C . 6.47 -7.81 -0.30
O33 YNV C . 5.49 -9.44 -4.87
O44 YNV C . 2.02 1.86 -2.61
#